data_4N84
#
_entry.id   4N84
#
_cell.length_a   83.240
_cell.length_b   105.180
_cell.length_c   113.780
_cell.angle_alpha   90.000
_cell.angle_beta   90.000
_cell.angle_gamma   90.000
#
_symmetry.space_group_name_H-M   'P 21 21 21'
#
loop_
_entity.id
_entity.type
_entity.pdbx_description
1 polymer '14-3-3 protein zeta/delta'
2 polymer 'Exoenzyme S'
3 water water
#
loop_
_entity_poly.entity_id
_entity_poly.type
_entity_poly.pdbx_seq_one_letter_code
_entity_poly.pdbx_strand_id
1 'polypeptide(L)'
;GMDKNELVQKAKLAEQAERYDDMAACMKSVTEQGAELSNEERNLLSVAYKNVVGARRSSWRVVSSIEQKTEGAEKKQQMA
REYREKIETELRDICNDVLSLLEKFLIPNASQAESKVFYLKMKGDYYRYLAEVAAGDDKKGIVDQSQQAYQEAFEISKKE
MQPTHPIRLGLALNFSVFYYEILNSPEKACSLAKTAFDEAIAELDTSEESYKDSTLIMQLLRDNLTLWTS
;
A,B
2 'polypeptide(L)' G(MKD)LD(MKD)LDLAS C,E
#
# COMPACT_ATOMS: atom_id res chain seq x y z
N GLY A 1 -20.27 -18.88 -3.62
CA GLY A 1 -20.24 -20.36 -3.86
C GLY A 1 -18.86 -20.83 -4.30
N MET A 2 -17.95 -20.96 -3.34
CA MET A 2 -16.55 -21.42 -3.55
C MET A 2 -16.12 -22.31 -2.37
N ASP A 3 -15.23 -23.26 -2.61
CA ASP A 3 -14.85 -24.25 -1.59
C ASP A 3 -13.55 -23.87 -0.76
N LYS A 4 -13.42 -24.36 0.47
CA LYS A 4 -12.37 -23.95 1.37
C LYS A 4 -10.95 -23.99 0.82
N ASN A 5 -10.57 -25.03 0.11
CA ASN A 5 -9.28 -25.00 -0.53
C ASN A 5 -9.12 -23.89 -1.50
N GLU A 6 -10.17 -23.65 -2.27
CA GLU A 6 -10.11 -22.64 -3.30
C GLU A 6 -9.89 -21.25 -2.59
N LEU A 7 -10.64 -21.00 -1.52
CA LEU A 7 -10.54 -19.80 -0.76
C LEU A 7 -9.12 -19.61 -0.24
N VAL A 8 -8.55 -20.66 0.36
CA VAL A 8 -7.18 -20.64 0.85
C VAL A 8 -6.14 -20.35 -0.23
N GLN A 9 -6.33 -20.96 -1.37
CA GLN A 9 -5.48 -20.69 -2.50
C GLN A 9 -5.60 -19.25 -3.06
N LYS A 10 -6.79 -18.68 -2.97
CA LYS A 10 -6.99 -17.35 -3.44
C LYS A 10 -6.26 -16.37 -2.46
N ALA A 11 -6.46 -16.58 -1.18
CA ALA A 11 -5.75 -15.88 -0.15
C ALA A 11 -4.23 -15.83 -0.36
N LYS A 12 -3.59 -16.97 -0.63
CA LYS A 12 -2.17 -16.99 -0.98
C LYS A 12 -1.83 -16.18 -2.23
N LEU A 13 -2.71 -16.23 -3.24
CA LEU A 13 -2.53 -15.46 -4.46
C LEU A 13 -2.59 -13.96 -4.12
N ALA A 14 -3.64 -13.56 -3.41
CA ALA A 14 -3.84 -12.19 -3.00
C ALA A 14 -2.69 -11.72 -2.16
N GLU A 15 -2.14 -12.59 -1.30
CA GLU A 15 -1.04 -12.23 -0.44
C GLU A 15 0.14 -11.89 -1.29
N GLN A 16 0.38 -12.75 -2.24
CA GLN A 16 1.50 -12.54 -3.14
C GLN A 16 1.41 -11.20 -3.88
N ALA A 17 0.20 -10.83 -4.29
CA ALA A 17 -0.01 -9.69 -5.15
C ALA A 17 -0.15 -8.42 -4.28
N GLU A 18 0.06 -8.56 -2.97
CA GLU A 18 -0.15 -7.52 -1.99
C GLU A 18 -1.53 -6.90 -2.02
N ARG A 19 -2.53 -7.77 -2.16
CA ARG A 19 -3.92 -7.36 -2.15
C ARG A 19 -4.56 -7.95 -0.89
N TYR A 20 -4.42 -7.23 0.21
CA TYR A 20 -4.77 -7.74 1.49
C TYR A 20 -6.20 -7.65 1.81
N ASP A 21 -6.93 -6.70 1.24
CA ASP A 21 -8.40 -6.71 1.41
C ASP A 21 -8.99 -8.01 0.81
N ASP A 22 -8.53 -8.38 -0.38
CA ASP A 22 -8.90 -9.63 -1.07
C ASP A 22 -8.53 -10.77 -0.17
N MET A 23 -7.29 -10.76 0.33
CA MET A 23 -6.82 -11.85 1.15
C MET A 23 -7.66 -11.96 2.39
N ALA A 24 -8.00 -10.85 2.99
CA ALA A 24 -8.87 -10.88 4.20
C ALA A 24 -10.34 -11.40 3.93
N ALA A 25 -10.92 -11.03 2.80
CA ALA A 25 -12.32 -11.40 2.42
C ALA A 25 -12.26 -12.93 2.22
N CYS A 26 -11.22 -13.42 1.56
CA CYS A 26 -11.03 -14.88 1.46
C CYS A 26 -11.02 -15.64 2.77
N MET A 27 -10.16 -15.21 3.66
CA MET A 27 -10.01 -15.92 4.94
C MET A 27 -11.12 -15.61 5.89
N LYS A 28 -11.81 -14.51 5.69
CA LYS A 28 -13.04 -14.27 6.48
C LYS A 28 -14.04 -15.38 6.06
N SER A 29 -14.21 -15.63 4.77
CA SER A 29 -15.18 -16.68 4.40
C SER A 29 -14.79 -18.07 4.87
N VAL A 30 -13.50 -18.40 4.76
CA VAL A 30 -13.01 -19.71 5.26
C VAL A 30 -13.42 -19.81 6.72
N THR A 31 -13.23 -18.71 7.46
CA THR A 31 -13.54 -18.81 8.88
C THR A 31 -15.04 -18.95 9.11
N GLU A 32 -15.82 -18.28 8.30
CA GLU A 32 -17.25 -18.34 8.41
C GLU A 32 -17.84 -19.73 8.10
N GLN A 33 -17.11 -20.60 7.39
CA GLN A 33 -17.57 -22.00 7.19
C GLN A 33 -17.62 -22.83 8.46
N GLY A 34 -17.09 -22.33 9.57
CA GLY A 34 -17.38 -22.90 10.85
C GLY A 34 -16.41 -23.93 11.39
N ALA A 35 -15.49 -24.47 10.57
CA ALA A 35 -14.56 -25.48 11.12
C ALA A 35 -13.27 -24.80 11.70
N GLU A 36 -12.73 -25.33 12.78
CA GLU A 36 -11.42 -24.93 13.37
C GLU A 36 -10.31 -24.78 12.35
N LEU A 37 -9.72 -23.57 12.27
CA LEU A 37 -8.62 -23.27 11.30
C LEU A 37 -7.38 -24.05 11.70
N SER A 38 -6.72 -24.64 10.73
CA SER A 38 -5.39 -25.10 10.90
C SER A 38 -4.46 -23.88 11.12
N ASN A 39 -3.26 -24.17 11.65
CA ASN A 39 -2.17 -23.23 11.74
C ASN A 39 -1.99 -22.48 10.45
N GLU A 40 -1.91 -23.19 9.33
CA GLU A 40 -1.72 -22.45 8.11
C GLU A 40 -2.84 -21.40 7.84
N GLU A 41 -4.12 -21.75 8.12
CA GLU A 41 -5.24 -20.86 7.81
C GLU A 41 -5.33 -19.71 8.78
N ARG A 42 -5.04 -20.00 10.05
CA ARG A 42 -5.01 -18.98 11.09
C ARG A 42 -3.94 -17.94 10.77
N ASN A 43 -2.76 -18.42 10.38
CA ASN A 43 -1.69 -17.50 10.01
C ASN A 43 -2.04 -16.61 8.81
N LEU A 44 -2.70 -17.17 7.80
CA LEU A 44 -3.14 -16.41 6.68
C LEU A 44 -4.23 -15.39 7.13
N LEU A 45 -5.10 -15.75 8.07
CA LEU A 45 -6.11 -14.79 8.47
C LEU A 45 -5.43 -13.60 9.20
N SER A 46 -4.55 -13.89 10.16
CA SER A 46 -3.73 -12.95 10.85
C SER A 46 -2.90 -12.01 9.92
N VAL A 47 -2.15 -12.58 9.00
CA VAL A 47 -1.43 -11.79 8.09
C VAL A 47 -2.36 -10.77 7.42
N ALA A 48 -3.48 -11.25 6.89
CA ALA A 48 -4.38 -10.40 6.06
C ALA A 48 -4.84 -9.20 6.89
N TYR A 49 -5.31 -9.48 8.11
CA TYR A 49 -5.89 -8.47 8.84
C TYR A 49 -4.87 -7.50 9.41
N LYS A 50 -3.71 -8.00 9.90
CA LYS A 50 -2.65 -7.17 10.38
C LYS A 50 -2.34 -6.15 9.31
N ASN A 51 -2.29 -6.54 8.05
CA ASN A 51 -2.05 -5.55 7.03
C ASN A 51 -3.23 -4.64 6.73
N VAL A 52 -4.45 -5.16 6.86
CA VAL A 52 -5.63 -4.39 6.48
C VAL A 52 -5.88 -3.34 7.55
N VAL A 53 -5.89 -3.77 8.78
CA VAL A 53 -6.00 -2.79 9.81
C VAL A 53 -4.76 -1.88 9.91
N GLY A 54 -3.55 -2.37 9.61
CA GLY A 54 -2.31 -1.60 9.90
C GLY A 54 -2.25 -0.37 8.95
N ALA A 55 -2.76 -0.49 7.74
CA ALA A 55 -2.79 0.61 6.80
C ALA A 55 -3.67 1.76 7.33
N ARG A 56 -4.67 1.39 8.12
CA ARG A 56 -5.59 2.35 8.65
C ARG A 56 -5.03 3.02 9.86
N ARG A 57 -4.51 2.25 10.80
CA ARG A 57 -3.92 2.84 11.98
C ARG A 57 -2.81 3.81 11.57
N SER A 58 -2.08 3.44 10.52
CA SER A 58 -0.96 4.21 10.17
C SER A 58 -1.54 5.52 9.59
N SER A 59 -2.59 5.39 8.79
CA SER A 59 -3.19 6.51 8.19
C SER A 59 -3.78 7.41 9.26
N TRP A 60 -4.47 6.82 10.21
CA TRP A 60 -5.00 7.55 11.31
C TRP A 60 -3.97 8.33 12.05
N ARG A 61 -2.84 7.71 12.38
CA ARG A 61 -1.82 8.34 13.22
C ARG A 61 -1.35 9.61 12.53
N VAL A 62 -1.22 9.56 11.20
CA VAL A 62 -0.77 10.69 10.42
C VAL A 62 -1.80 11.83 10.42
N VAL A 63 -3.04 11.49 10.18
CA VAL A 63 -4.02 12.50 9.98
C VAL A 63 -4.32 13.18 11.29
N SER A 64 -4.48 12.37 12.32
CA SER A 64 -4.69 12.83 13.67
C SER A 64 -3.61 13.84 14.09
N SER A 65 -2.39 13.56 13.73
CA SER A 65 -1.33 14.38 14.20
C SER A 65 -1.38 15.73 13.51
N ILE A 66 -1.56 15.70 12.19
CA ILE A 66 -1.74 16.89 11.37
C ILE A 66 -2.87 17.73 11.93
N GLU A 67 -3.96 17.10 12.31
CA GLU A 67 -5.03 17.78 12.98
C GLU A 67 -4.61 18.45 14.34
N GLN A 68 -3.79 17.78 15.18
CA GLN A 68 -3.22 18.42 16.38
C GLN A 68 -2.49 19.75 16.03
N LYS A 69 -1.52 19.63 15.14
CA LYS A 69 -0.63 20.72 14.69
C LYS A 69 -1.22 21.80 13.77
N THR A 70 -2.51 21.70 13.48
CA THR A 70 -3.18 22.67 12.62
C THR A 70 -3.92 23.44 13.71
N GLU A 71 -3.34 24.55 14.13
CA GLU A 71 -3.93 25.39 15.17
C GLU A 71 -3.85 26.77 14.55
N GLY A 72 -4.97 27.26 14.03
CA GLY A 72 -5.02 28.56 13.41
C GLY A 72 -6.14 28.68 12.39
N ALA A 73 -6.07 27.87 11.34
CA ALA A 73 -7.08 27.88 10.29
C ALA A 73 -8.37 27.23 10.76
N GLU A 74 -9.44 28.01 10.78
CA GLU A 74 -10.73 27.53 11.29
C GLU A 74 -11.28 26.35 10.49
N LYS A 75 -10.81 26.21 9.25
CA LYS A 75 -11.27 25.14 8.38
C LYS A 75 -10.20 24.05 8.25
N LYS A 76 -8.94 24.47 8.12
CA LYS A 76 -7.83 23.54 7.98
C LYS A 76 -7.99 22.47 9.05
N GLN A 77 -8.50 22.87 10.21
CA GLN A 77 -8.71 21.94 11.33
C GLN A 77 -10.03 21.19 11.46
N GLN A 78 -10.90 21.35 10.47
CA GLN A 78 -12.17 20.71 10.47
C GLN A 78 -12.10 19.61 9.41
N MET A 79 -11.49 19.91 8.28
CA MET A 79 -11.27 18.90 7.25
C MET A 79 -10.40 17.76 7.73
N ALA A 80 -9.33 18.07 8.47
CA ALA A 80 -8.53 17.00 9.02
C ALA A 80 -9.34 16.15 10.03
N ARG A 81 -10.16 16.79 10.86
CA ARG A 81 -11.03 16.06 11.78
C ARG A 81 -11.94 15.18 10.94
N GLU A 82 -12.50 15.69 9.86
CA GLU A 82 -13.49 14.90 9.19
C GLU A 82 -12.85 13.69 8.52
N TYR A 83 -11.61 13.88 8.10
CA TYR A 83 -10.90 12.86 7.41
C TYR A 83 -10.47 11.74 8.43
N ARG A 84 -9.94 12.14 9.59
CA ARG A 84 -9.77 11.29 10.69
C ARG A 84 -11.03 10.51 10.99
N GLU A 85 -12.19 11.14 10.94
CA GLU A 85 -13.41 10.43 11.26
C GLU A 85 -13.76 9.31 10.27
N LYS A 86 -13.56 9.56 8.99
CA LYS A 86 -13.83 8.62 7.93
C LYS A 86 -12.88 7.41 8.11
N ILE A 87 -11.59 7.69 8.31
CA ILE A 87 -10.62 6.68 8.53
C ILE A 87 -10.95 5.85 9.77
N GLU A 88 -11.32 6.49 10.85
CA GLU A 88 -11.75 5.79 12.07
C GLU A 88 -12.91 4.88 11.86
N THR A 89 -13.86 5.27 11.03
CA THR A 89 -14.95 4.37 10.93
C THR A 89 -14.53 3.17 10.07
N GLU A 90 -13.69 3.36 9.04
CA GLU A 90 -13.13 2.23 8.29
C GLU A 90 -12.45 1.25 9.30
N LEU A 91 -11.64 1.84 10.18
CA LEU A 91 -10.95 1.08 11.21
C LEU A 91 -11.87 0.33 12.17
N ARG A 92 -12.86 1.02 12.75
CA ARG A 92 -13.82 0.38 13.67
C ARG A 92 -14.48 -0.76 12.96
N ASP A 93 -14.87 -0.58 11.70
CA ASP A 93 -15.43 -1.74 10.96
C ASP A 93 -14.48 -2.95 10.91
N ILE A 94 -13.17 -2.71 10.64
CA ILE A 94 -12.20 -3.77 10.49
C ILE A 94 -12.08 -4.53 11.81
N CYS A 95 -11.93 -3.82 12.89
CA CYS A 95 -11.80 -4.48 14.18
C CYS A 95 -13.05 -5.23 14.51
N ASN A 96 -14.20 -4.66 14.16
CA ASN A 96 -15.46 -5.29 14.53
C ASN A 96 -15.67 -6.57 13.78
N ASP A 97 -15.31 -6.64 12.49
CA ASP A 97 -15.24 -7.93 11.77
C ASP A 97 -14.38 -9.01 12.51
N VAL A 98 -13.10 -8.70 12.65
CA VAL A 98 -12.15 -9.49 13.38
C VAL A 98 -12.68 -9.93 14.75
N LEU A 99 -13.21 -8.99 15.52
CA LEU A 99 -13.62 -9.34 16.89
C LEU A 99 -14.77 -10.30 16.87
N SER A 100 -15.54 -10.23 15.79
CA SER A 100 -16.74 -11.00 15.70
C SER A 100 -16.33 -12.40 15.23
N LEU A 101 -15.47 -12.45 14.22
CA LEU A 101 -14.79 -13.67 13.82
C LEU A 101 -14.18 -14.35 15.06
N LEU A 102 -13.62 -13.58 15.96
CA LEU A 102 -13.01 -14.24 17.10
C LEU A 102 -14.03 -14.79 18.01
N GLU A 103 -15.10 -14.03 18.24
CA GLU A 103 -16.05 -14.41 19.26
C GLU A 103 -16.91 -15.63 18.83
N LYS A 104 -17.29 -15.70 17.55
CA LYS A 104 -18.23 -16.64 17.00
C LYS A 104 -17.47 -17.88 16.57
N PHE A 105 -16.26 -17.73 16.04
CA PHE A 105 -15.56 -18.91 15.51
C PHE A 105 -14.22 -19.29 16.17
N LEU A 106 -13.29 -18.35 16.27
CA LEU A 106 -11.91 -18.73 16.44
C LEU A 106 -11.64 -19.18 17.85
N ILE A 107 -12.06 -18.41 18.82
CA ILE A 107 -11.94 -18.86 20.19
C ILE A 107 -12.83 -20.11 20.56
N PRO A 108 -14.12 -20.11 20.21
CA PRO A 108 -14.93 -21.28 20.63
C PRO A 108 -14.39 -22.59 19.99
N ASN A 109 -13.93 -22.54 18.77
CA ASN A 109 -13.36 -23.72 18.15
C ASN A 109 -11.91 -24.07 18.45
N ALA A 110 -11.24 -23.47 19.41
CA ALA A 110 -9.80 -23.73 19.44
C ALA A 110 -9.58 -24.87 20.35
N SER A 111 -9.04 -25.92 19.77
CA SER A 111 -8.86 -27.14 20.56
C SER A 111 -7.56 -27.17 21.36
N GLN A 112 -6.61 -26.35 20.98
CA GLN A 112 -5.25 -26.38 21.57
C GLN A 112 -4.97 -25.04 22.18
N ALA A 113 -4.32 -25.13 23.31
CA ALA A 113 -3.84 -24.03 24.06
C ALA A 113 -3.10 -22.98 23.18
N GLU A 114 -2.16 -23.40 22.36
CA GLU A 114 -1.39 -22.44 21.62
C GLU A 114 -2.35 -21.54 20.83
N SER A 115 -3.36 -22.10 20.22
CA SER A 115 -4.30 -21.33 19.39
C SER A 115 -5.29 -20.48 20.20
N LYS A 116 -5.74 -20.99 21.34
CA LYS A 116 -6.51 -20.28 22.31
C LYS A 116 -5.78 -18.99 22.68
N VAL A 117 -4.51 -19.15 23.04
CA VAL A 117 -3.74 -18.04 23.50
C VAL A 117 -3.55 -17.07 22.35
N PHE A 118 -3.30 -17.61 21.18
CA PHE A 118 -3.07 -16.73 20.04
C PHE A 118 -4.34 -15.91 19.78
N TYR A 119 -5.49 -16.54 19.73
CA TYR A 119 -6.75 -15.81 19.46
C TYR A 119 -7.12 -14.86 20.55
N LEU A 120 -6.94 -15.27 21.81
CA LEU A 120 -7.20 -14.33 22.90
C LEU A 120 -6.32 -13.07 22.81
N LYS A 121 -5.06 -13.25 22.39
CA LYS A 121 -4.12 -12.16 22.37
C LYS A 121 -4.61 -11.26 21.28
N MET A 122 -5.09 -11.86 20.23
CA MET A 122 -5.55 -11.09 19.09
C MET A 122 -6.81 -10.28 19.47
N LYS A 123 -7.61 -10.81 20.38
CA LYS A 123 -8.76 -10.10 20.80
C LYS A 123 -8.29 -8.92 21.65
N GLY A 124 -7.26 -9.14 22.47
CA GLY A 124 -6.64 -8.03 23.19
C GLY A 124 -6.10 -6.98 22.25
N ASP A 125 -5.41 -7.37 21.17
CA ASP A 125 -4.86 -6.39 20.23
C ASP A 125 -5.97 -5.62 19.55
N TYR A 126 -7.01 -6.32 19.11
CA TYR A 126 -8.02 -5.59 18.39
C TYR A 126 -8.90 -4.70 19.25
N TYR A 127 -9.08 -4.99 20.55
CA TYR A 127 -9.75 -4.01 21.37
C TYR A 127 -8.84 -2.84 21.64
N ARG A 128 -7.54 -3.13 21.77
CA ARG A 128 -6.54 -2.11 22.00
C ARG A 128 -6.68 -1.16 20.83
N TYR A 129 -6.86 -1.70 19.62
CA TYR A 129 -6.84 -0.73 18.52
C TYR A 129 -8.08 0.12 18.58
N LEU A 130 -9.19 -0.43 19.09
CA LEU A 130 -10.44 0.32 19.21
C LEU A 130 -10.27 1.35 20.34
N ALA A 131 -9.62 0.96 21.44
CA ALA A 131 -9.33 1.94 22.48
C ALA A 131 -8.53 3.13 21.96
N GLU A 132 -7.59 2.92 21.04
CA GLU A 132 -6.75 3.99 20.57
C GLU A 132 -7.54 5.14 20.01
N VAL A 133 -8.75 4.84 19.62
CA VAL A 133 -9.46 5.66 18.68
C VAL A 133 -10.86 5.90 19.21
N ALA A 134 -11.06 5.55 20.49
CA ALA A 134 -12.32 5.77 21.17
C ALA A 134 -12.34 7.16 21.85
N ALA A 135 -13.45 7.86 21.65
CA ALA A 135 -13.70 9.10 22.39
C ALA A 135 -14.19 8.73 23.79
N GLY A 136 -13.75 9.49 24.77
CA GLY A 136 -13.82 8.90 26.10
C GLY A 136 -15.14 8.32 26.67
N ASP A 137 -16.34 8.50 26.16
CA ASP A 137 -17.47 7.69 26.63
C ASP A 137 -17.48 6.17 26.67
N ASP A 138 -16.88 5.54 25.66
CA ASP A 138 -16.84 4.09 25.57
C ASP A 138 -15.38 3.66 25.66
N LYS A 139 -14.52 4.61 26.03
CA LYS A 139 -13.10 4.34 26.13
C LYS A 139 -12.50 3.71 27.37
N LYS A 140 -13.34 3.47 28.38
CA LYS A 140 -12.86 2.87 29.60
C LYS A 140 -13.37 1.43 29.43
N GLY A 141 -14.47 1.25 28.72
CA GLY A 141 -15.10 -0.07 28.59
C GLY A 141 -14.40 -0.93 27.53
N ILE A 142 -13.87 -0.27 26.51
CA ILE A 142 -13.15 -0.96 25.46
C ILE A 142 -11.78 -1.37 26.02
N VAL A 143 -11.13 -0.42 26.66
CA VAL A 143 -9.97 -0.65 27.46
C VAL A 143 -10.11 -1.85 28.41
N ASP A 144 -11.25 -2.05 29.05
CA ASP A 144 -11.44 -3.22 29.90
C ASP A 144 -11.55 -4.49 29.13
N GLN A 145 -12.15 -4.45 27.96
CA GLN A 145 -12.28 -5.69 27.24
C GLN A 145 -10.89 -6.14 26.74
N SER A 146 -10.09 -5.19 26.26
CA SER A 146 -8.69 -5.45 25.96
C SER A 146 -7.93 -6.12 27.12
N GLN A 147 -7.97 -5.54 28.31
CA GLN A 147 -7.29 -6.15 29.42
C GLN A 147 -7.86 -7.53 29.76
N GLN A 148 -9.16 -7.64 29.64
CA GLN A 148 -9.84 -8.83 30.04
C GLN A 148 -9.32 -9.92 29.16
N ALA A 149 -9.33 -9.66 27.85
CA ALA A 149 -8.83 -10.67 26.89
C ALA A 149 -7.31 -11.02 27.01
N TYR A 150 -6.45 -10.00 27.18
CA TYR A 150 -5.04 -10.27 27.42
C TYR A 150 -4.83 -11.05 28.70
N GLN A 151 -5.65 -10.79 29.71
CA GLN A 151 -5.48 -11.49 31.00
C GLN A 151 -5.80 -12.99 30.87
N GLU A 152 -6.88 -13.27 30.14
CA GLU A 152 -7.29 -14.62 29.93
C GLU A 152 -6.18 -15.32 29.18
N ALA A 153 -5.69 -14.70 28.09
CA ALA A 153 -4.54 -15.20 27.33
C ALA A 153 -3.37 -15.45 28.26
N PHE A 154 -3.08 -14.52 29.15
CA PHE A 154 -1.87 -14.64 29.94
C PHE A 154 -2.01 -15.84 30.85
N GLU A 155 -3.19 -15.98 31.48
CA GLU A 155 -3.49 -17.09 32.38
C GLU A 155 -3.16 -18.43 31.76
N ILE A 156 -3.67 -18.68 30.56
CA ILE A 156 -3.50 -19.94 29.88
C ILE A 156 -2.03 -20.15 29.46
N SER A 157 -1.42 -19.11 28.92
CA SER A 157 -0.03 -19.25 28.48
C SER A 157 0.89 -19.60 29.63
N LYS A 158 0.68 -19.00 30.81
CA LYS A 158 1.46 -19.29 32.03
C LYS A 158 1.29 -20.79 32.38
N LYS A 159 0.07 -21.32 32.26
CA LYS A 159 -0.23 -22.73 32.61
C LYS A 159 0.26 -23.72 31.55
N GLU A 160 0.18 -23.37 30.26
CA GLU A 160 0.39 -24.37 29.18
C GLU A 160 1.57 -24.22 28.24
N MET A 161 2.29 -23.11 28.30
CA MET A 161 3.32 -22.90 27.29
C MET A 161 4.68 -22.61 27.95
N GLN A 162 5.72 -22.94 27.23
CA GLN A 162 7.06 -22.69 27.72
C GLN A 162 7.34 -21.19 27.82
N PRO A 163 8.09 -20.74 28.82
CA PRO A 163 8.33 -19.28 28.90
C PRO A 163 8.97 -18.72 27.65
N THR A 164 9.59 -19.54 26.84
CA THR A 164 10.22 -19.14 25.61
C THR A 164 9.42 -19.40 24.32
N HIS A 165 8.19 -19.86 24.45
CA HIS A 165 7.33 -19.97 23.24
C HIS A 165 7.06 -18.58 22.68
N PRO A 166 7.23 -18.41 21.39
CA PRO A 166 7.13 -17.06 20.90
C PRO A 166 5.70 -16.46 21.04
N ILE A 167 4.68 -17.31 21.10
CA ILE A 167 3.30 -16.81 21.26
C ILE A 167 3.12 -16.30 22.66
N ARG A 168 3.71 -16.97 23.64
CA ARG A 168 3.64 -16.46 25.00
C ARG A 168 4.41 -15.16 25.19
N LEU A 169 5.61 -15.09 24.63
CA LEU A 169 6.45 -13.92 24.66
C LEU A 169 5.85 -12.73 23.92
N GLY A 170 5.19 -12.97 22.78
CA GLY A 170 4.53 -11.90 22.01
C GLY A 170 3.31 -11.40 22.79
N LEU A 171 2.67 -12.33 23.47
CA LEU A 171 1.60 -11.92 24.31
C LEU A 171 2.15 -10.98 25.40
N ALA A 172 3.26 -11.35 26.06
CA ALA A 172 3.79 -10.47 27.08
C ALA A 172 4.19 -9.15 26.45
N LEU A 173 4.76 -9.16 25.26
CA LEU A 173 5.14 -7.91 24.65
C LEU A 173 3.89 -6.97 24.45
N ASN A 174 2.90 -7.44 23.68
CA ASN A 174 1.70 -6.68 23.44
C ASN A 174 0.96 -6.22 24.67
N PHE A 175 0.95 -7.02 25.69
CA PHE A 175 0.15 -6.72 26.85
C PHE A 175 0.90 -5.69 27.70
N SER A 176 2.21 -5.80 27.74
CA SER A 176 3.01 -4.79 28.45
C SER A 176 2.92 -3.44 27.69
N VAL A 177 3.01 -3.42 26.38
CA VAL A 177 2.76 -2.17 25.64
C VAL A 177 1.34 -1.70 25.95
N PHE A 178 0.36 -2.59 26.06
CA PHE A 178 -0.98 -2.13 26.46
C PHE A 178 -1.00 -1.41 27.80
N TYR A 179 -0.37 -2.01 28.78
CA TYR A 179 -0.29 -1.42 30.08
C TYR A 179 0.34 -0.04 29.99
N TYR A 180 1.45 0.10 29.27
CA TYR A 180 2.17 1.38 29.21
C TYR A 180 1.49 2.46 28.40
N GLU A 181 1.04 2.12 27.20
CA GLU A 181 0.49 3.10 26.29
C GLU A 181 -1.00 3.24 26.42
N ILE A 182 -1.71 2.32 27.05
CA ILE A 182 -3.17 2.46 26.99
C ILE A 182 -3.69 2.74 28.37
N LEU A 183 -3.12 2.08 29.36
CA LEU A 183 -3.63 2.17 30.71
C LEU A 183 -2.77 3.11 31.54
N ASN A 184 -1.75 3.68 30.91
CA ASN A 184 -0.70 4.44 31.60
C ASN A 184 -0.11 3.91 32.92
N SER A 185 0.07 2.60 33.02
CA SER A 185 0.69 1.99 34.19
C SER A 185 2.08 1.50 33.85
N PRO A 186 3.06 2.40 33.97
CA PRO A 186 4.45 2.09 33.59
C PRO A 186 5.07 0.98 34.44
N GLU A 187 4.58 0.80 35.67
CA GLU A 187 5.13 -0.20 36.59
C GLU A 187 4.57 -1.58 36.29
N LYS A 188 3.29 -1.64 35.95
CA LYS A 188 2.70 -2.88 35.41
C LYS A 188 3.33 -3.24 34.04
N ALA A 189 3.50 -2.25 33.15
CA ALA A 189 4.23 -2.57 31.92
C ALA A 189 5.63 -3.14 32.13
N CYS A 190 6.36 -2.51 33.04
CA CYS A 190 7.67 -2.98 33.45
C CYS A 190 7.72 -4.35 34.10
N SER A 191 6.96 -4.60 35.15
CA SER A 191 7.05 -5.90 35.78
C SER A 191 6.63 -7.02 34.80
N LEU A 192 5.56 -6.84 34.04
CA LEU A 192 5.20 -7.87 33.09
C LEU A 192 6.39 -8.16 32.18
N ALA A 193 6.97 -7.14 31.61
CA ALA A 193 8.00 -7.40 30.63
C ALA A 193 9.27 -7.99 31.23
N LYS A 194 9.64 -7.57 32.45
CA LYS A 194 10.82 -8.08 33.11
C LYS A 194 10.59 -9.52 33.55
N THR A 195 9.44 -9.79 34.13
CA THR A 195 9.20 -11.17 34.50
C THR A 195 9.14 -12.08 33.26
N ALA A 196 8.55 -11.64 32.13
CA ALA A 196 8.56 -12.52 30.95
C ALA A 196 9.97 -12.69 30.41
N PHE A 197 10.76 -11.60 30.37
CA PHE A 197 12.16 -11.76 29.92
C PHE A 197 12.90 -12.69 30.89
N ASP A 198 12.76 -12.50 32.20
CA ASP A 198 13.50 -13.37 33.15
C ASP A 198 13.07 -14.83 33.10
N GLU A 199 11.77 -15.07 33.00
CA GLU A 199 11.36 -16.44 32.88
C GLU A 199 11.87 -17.12 31.64
N ALA A 200 12.02 -16.38 30.57
CA ALA A 200 12.48 -17.02 29.39
C ALA A 200 14.00 -17.25 29.52
N ILE A 201 14.71 -16.33 30.15
CA ILE A 201 16.11 -16.54 30.47
C ILE A 201 16.31 -17.78 31.34
N ALA A 202 15.48 -17.94 32.36
CA ALA A 202 15.56 -19.13 33.24
C ALA A 202 15.31 -20.47 32.60
N GLU A 203 14.48 -20.57 31.57
CA GLU A 203 14.16 -21.92 31.09
C GLU A 203 15.18 -22.28 30.07
N LEU A 204 15.74 -21.29 29.37
CA LEU A 204 16.78 -21.56 28.39
C LEU A 204 18.11 -21.84 29.07
N ASP A 205 18.19 -21.46 30.34
CA ASP A 205 19.39 -21.66 31.16
C ASP A 205 19.45 -23.13 31.55
N THR A 206 18.47 -23.90 31.10
CA THR A 206 18.42 -25.33 31.39
C THR A 206 18.64 -26.12 30.10
N SER A 210 14.36 -24.29 18.44
CA SER A 210 14.41 -23.18 17.45
C SER A 210 14.08 -21.81 18.03
N TYR A 211 15.10 -21.08 18.46
CA TYR A 211 14.87 -19.96 19.35
C TYR A 211 15.28 -18.59 18.86
N LYS A 212 15.63 -18.45 17.60
CA LYS A 212 15.93 -17.15 17.06
C LYS A 212 14.73 -16.24 17.11
N ASP A 213 13.54 -16.80 16.92
CA ASP A 213 12.32 -15.97 17.01
C ASP A 213 11.99 -15.54 18.41
N SER A 214 12.04 -16.47 19.36
CA SER A 214 11.90 -16.15 20.75
C SER A 214 12.85 -15.00 21.16
N THR A 215 13.99 -15.03 20.54
CA THR A 215 15.08 -14.29 21.00
C THR A 215 14.88 -12.87 20.56
N LEU A 216 14.45 -12.72 19.31
CA LEU A 216 14.03 -11.42 18.83
C LEU A 216 12.97 -10.79 19.76
N ILE A 217 12.05 -11.58 20.28
CA ILE A 217 11.04 -10.96 21.08
C ILE A 217 11.61 -10.59 22.42
N MET A 218 12.45 -11.44 22.96
CA MET A 218 13.14 -11.10 24.20
C MET A 218 13.87 -9.74 24.06
N GLN A 219 14.46 -9.45 22.91
CA GLN A 219 15.18 -8.23 22.74
C GLN A 219 14.22 -7.08 22.73
N LEU A 220 13.05 -7.29 22.11
CA LEU A 220 12.09 -6.20 22.02
C LEU A 220 11.58 -5.91 23.41
N LEU A 221 11.40 -6.95 24.23
CA LEU A 221 10.91 -6.65 25.56
C LEU A 221 11.95 -5.87 26.31
N ARG A 222 13.21 -6.25 26.12
CA ARG A 222 14.32 -5.58 26.79
C ARG A 222 14.37 -4.13 26.38
N ASP A 223 14.46 -3.90 25.08
CA ASP A 223 14.42 -2.52 24.53
C ASP A 223 13.28 -1.72 25.17
N ASN A 224 12.09 -2.31 25.34
CA ASN A 224 11.03 -1.57 26.03
C ASN A 224 11.45 -1.20 27.45
N LEU A 225 11.92 -2.18 28.16
CA LEU A 225 12.38 -1.92 29.50
C LEU A 225 13.31 -0.76 29.62
N THR A 226 14.32 -0.70 28.76
CA THR A 226 15.33 0.32 28.94
C THR A 226 14.76 1.70 28.48
N LEU A 227 13.96 1.73 27.41
CA LEU A 227 13.14 2.90 27.09
C LEU A 227 12.30 3.34 28.27
N TRP A 228 11.65 2.42 28.96
CA TRP A 228 10.64 2.83 29.94
C TRP A 228 11.16 3.16 31.30
N THR A 229 12.35 2.69 31.68
CA THR A 229 12.99 3.23 32.91
C THR A 229 13.87 4.43 32.58
N SER A 230 14.57 4.30 31.44
CA SER A 230 15.26 5.42 30.77
C SER A 230 16.25 6.24 31.63
N GLY B 1 -20.72 18.71 -2.32
CA GLY B 1 -19.84 19.30 -3.31
C GLY B 1 -18.91 20.34 -2.72
N MET B 2 -17.61 20.04 -2.73
CA MET B 2 -16.62 20.95 -2.19
C MET B 2 -15.89 21.71 -3.31
N ASP B 3 -15.46 22.93 -3.02
CA ASP B 3 -14.74 23.76 -4.02
C ASP B 3 -13.28 23.30 -4.26
N LYS B 4 -12.64 23.85 -5.30
CA LYS B 4 -11.25 23.51 -5.68
C LYS B 4 -10.27 23.55 -4.52
N ASN B 5 -10.21 24.63 -3.74
CA ASN B 5 -9.28 24.71 -2.61
C ASN B 5 -9.44 23.58 -1.58
N GLU B 6 -10.69 23.17 -1.39
CA GLU B 6 -11.01 22.08 -0.48
C GLU B 6 -10.54 20.71 -1.01
N LEU B 7 -10.77 20.43 -2.29
CA LEU B 7 -10.47 19.14 -2.80
C LEU B 7 -8.97 18.96 -2.85
N VAL B 8 -8.27 19.98 -3.32
CA VAL B 8 -6.80 20.03 -3.28
C VAL B 8 -6.27 19.75 -1.90
N GLN B 9 -6.94 20.30 -0.92
CA GLN B 9 -6.51 20.13 0.46
C GLN B 9 -6.71 18.68 0.97
N LYS B 10 -7.90 18.10 0.66
CA LYS B 10 -8.14 16.71 0.95
C LYS B 10 -7.09 15.80 0.25
N ALA B 11 -6.82 16.08 -1.02
CA ALA B 11 -5.85 15.42 -1.79
C ALA B 11 -4.46 15.44 -1.14
N LYS B 12 -4.07 16.52 -0.48
CA LYS B 12 -2.78 16.56 0.18
C LYS B 12 -2.76 15.79 1.45
N LEU B 13 -3.89 15.79 2.13
CA LEU B 13 -4.07 14.97 3.31
C LEU B 13 -4.01 13.50 2.90
N ALA B 14 -4.75 13.16 1.88
CA ALA B 14 -4.80 11.77 1.49
C ALA B 14 -3.39 11.34 1.08
N GLU B 15 -2.62 12.24 0.48
CA GLU B 15 -1.31 11.87 0.01
C GLU B 15 -0.46 11.51 1.23
N GLN B 16 -0.55 12.33 2.25
CA GLN B 16 0.25 12.03 3.40
C GLN B 16 -0.20 10.77 4.07
N ALA B 17 -1.50 10.49 4.04
CA ALA B 17 -2.05 9.35 4.73
C ALA B 17 -1.80 8.09 3.93
N GLU B 18 -1.25 8.27 2.73
CA GLU B 18 -0.99 7.22 1.77
C GLU B 18 -2.26 6.55 1.34
N ARG B 19 -3.33 7.31 1.20
CA ARG B 19 -4.56 6.76 0.68
C ARG B 19 -4.78 7.34 -0.69
N TYR B 20 -4.25 6.67 -1.68
CA TYR B 20 -4.13 7.18 -3.00
C TYR B 20 -5.34 7.12 -3.81
N ASP B 21 -6.22 6.17 -3.51
CA ASP B 21 -7.53 6.13 -4.18
C ASP B 21 -8.30 7.40 -3.82
N ASP B 22 -8.28 7.76 -2.54
CA ASP B 22 -8.94 8.99 -2.09
C ASP B 22 -8.29 10.15 -2.86
N MET B 23 -6.97 10.12 -2.91
CA MET B 23 -6.20 11.23 -3.44
C MET B 23 -6.61 11.42 -4.87
N ALA B 24 -6.76 10.32 -5.55
CA ALA B 24 -7.19 10.32 -6.96
C ALA B 24 -8.59 10.91 -7.19
N ALA B 25 -9.55 10.44 -6.38
CA ALA B 25 -10.94 10.88 -6.44
C ALA B 25 -10.99 12.42 -6.35
N CYS B 26 -10.29 12.95 -5.36
CA CYS B 26 -10.22 14.40 -5.23
C CYS B 26 -9.75 15.08 -6.51
N MET B 27 -8.66 14.60 -7.07
CA MET B 27 -8.02 15.34 -8.15
C MET B 27 -8.77 15.15 -9.42
N LYS B 28 -9.55 14.08 -9.43
CA LYS B 28 -10.44 13.79 -10.57
C LYS B 28 -11.48 14.89 -10.59
N SER B 29 -12.13 15.14 -9.45
CA SER B 29 -13.17 16.15 -9.40
C SER B 29 -12.58 17.49 -9.72
N VAL B 30 -11.44 17.83 -9.09
CA VAL B 30 -10.78 19.11 -9.39
C VAL B 30 -10.62 19.29 -10.88
N THR B 31 -10.13 18.25 -11.57
CA THR B 31 -9.91 18.34 -12.99
C THR B 31 -11.21 18.51 -13.76
N GLU B 32 -12.20 17.78 -13.32
CA GLU B 32 -13.55 17.88 -13.84
C GLU B 32 -14.24 19.25 -13.68
N GLN B 33 -13.81 20.13 -12.78
CA GLN B 33 -14.34 21.53 -12.77
C GLN B 33 -13.97 22.32 -14.00
N GLY B 34 -13.00 21.84 -14.77
CA GLY B 34 -12.75 22.39 -16.11
C GLY B 34 -11.78 23.55 -16.23
N ALA B 35 -11.27 24.11 -15.13
CA ALA B 35 -10.21 25.14 -15.25
C ALA B 35 -8.84 24.41 -15.54
N GLU B 36 -7.93 25.02 -16.29
CA GLU B 36 -6.54 24.56 -16.39
C GLU B 36 -5.84 24.34 -15.06
N LEU B 37 -5.32 23.14 -14.82
CA LEU B 37 -4.72 22.79 -13.51
C LEU B 37 -3.46 23.60 -13.33
N SER B 38 -3.21 24.07 -12.11
CA SER B 38 -1.91 24.70 -11.81
C SER B 38 -0.83 23.62 -11.84
N ASN B 39 0.44 23.99 -11.73
CA ASN B 39 1.48 22.97 -11.56
C ASN B 39 1.30 22.06 -10.41
N GLU B 40 0.87 22.64 -9.33
CA GLU B 40 0.82 21.86 -8.16
C GLU B 40 -0.36 20.85 -8.34
N GLU B 41 -1.41 21.26 -9.05
CA GLU B 41 -2.50 20.36 -9.09
C GLU B 41 -2.19 19.20 -10.05
N ARG B 42 -1.53 19.52 -11.16
CA ARG B 42 -1.02 18.56 -12.10
C ARG B 42 -0.12 17.56 -11.39
N ASN B 43 0.80 18.03 -10.57
CA ASN B 43 1.62 17.08 -9.87
C ASN B 43 0.79 16.21 -8.95
N LEU B 44 -0.29 16.74 -8.41
CA LEU B 44 -1.07 15.95 -7.44
C LEU B 44 -1.87 14.83 -8.19
N LEU B 45 -2.46 15.18 -9.31
CA LEU B 45 -3.16 14.25 -10.12
C LEU B 45 -2.21 13.10 -10.50
N SER B 46 -1.02 13.41 -10.99
CA SER B 46 -0.04 12.43 -11.39
C SER B 46 0.45 11.50 -10.30
N VAL B 47 0.83 12.05 -9.17
CA VAL B 47 1.15 11.20 -8.06
C VAL B 47 0.02 10.22 -7.73
N ALA B 48 -1.21 10.69 -7.71
CA ALA B 48 -2.31 9.91 -7.24
C ALA B 48 -2.49 8.75 -8.22
N TYR B 49 -2.48 9.03 -9.52
CA TYR B 49 -2.75 7.99 -10.42
C TYR B 49 -1.60 7.01 -10.58
N LYS B 50 -0.38 7.51 -10.45
CA LYS B 50 0.78 6.76 -10.63
C LYS B 50 0.72 5.69 -9.56
N ASN B 51 0.38 6.06 -8.33
CA ASN B 51 0.23 5.04 -7.30
C ASN B 51 -0.93 4.08 -7.44
N VAL B 52 -2.07 4.58 -7.91
CA VAL B 52 -3.26 3.76 -8.08
C VAL B 52 -3.14 2.88 -9.33
N VAL B 53 -2.23 3.26 -10.23
CA VAL B 53 -2.02 2.50 -11.46
C VAL B 53 -0.87 1.53 -11.25
N GLY B 54 0.06 1.90 -10.36
CA GLY B 54 1.23 1.04 -10.07
C GLY B 54 0.95 -0.15 -9.18
N ALA B 55 0.03 0.01 -8.24
CA ALA B 55 -0.30 -1.05 -7.33
C ALA B 55 -0.93 -2.18 -8.13
N ARG B 56 -1.61 -1.86 -9.25
CA ARG B 56 -2.26 -2.86 -10.04
C ARG B 56 -1.31 -3.48 -10.99
N ARG B 57 -0.48 -2.68 -11.60
CA ARG B 57 0.43 -3.22 -12.55
C ARG B 57 1.37 -4.21 -11.85
N SER B 58 1.69 -3.91 -10.62
CA SER B 58 2.66 -4.68 -9.94
C SER B 58 1.95 -6.03 -9.56
N SER B 59 0.71 -5.92 -9.12
CA SER B 59 -0.10 -7.06 -8.84
C SER B 59 -0.30 -7.97 -10.03
N TRP B 60 -0.56 -7.37 -11.19
CA TRP B 60 -0.70 -8.11 -12.38
C TRP B 60 0.60 -8.80 -12.75
N ARG B 61 1.75 -8.14 -12.65
CA ARG B 61 3.00 -8.80 -12.97
C ARG B 61 3.14 -10.05 -12.10
N VAL B 62 2.77 -9.97 -10.84
CA VAL B 62 3.00 -11.09 -9.97
C VAL B 62 2.08 -12.27 -10.32
N VAL B 63 0.81 -12.00 -10.45
CA VAL B 63 -0.16 -13.02 -10.67
C VAL B 63 -0.02 -13.58 -12.07
N SER B 64 0.30 -12.72 -12.99
CA SER B 64 0.48 -13.17 -14.34
C SER B 64 1.60 -14.23 -14.41
N SER B 65 2.62 -14.08 -13.61
CA SER B 65 3.73 -14.95 -13.74
C SER B 65 3.62 -16.18 -12.82
N ILE B 66 2.71 -16.15 -11.86
CA ILE B 66 2.40 -17.37 -11.16
C ILE B 66 1.56 -18.25 -12.12
N GLU B 67 0.69 -17.61 -12.90
CA GLU B 67 -0.10 -18.28 -13.90
C GLU B 67 0.76 -18.94 -15.00
N GLN B 68 1.85 -18.26 -15.38
CA GLN B 68 2.75 -18.77 -16.40
C GLN B 68 3.59 -19.92 -15.87
N LYS B 69 4.21 -19.71 -14.71
CA LYS B 69 5.06 -20.72 -14.09
C LYS B 69 4.36 -22.05 -13.80
N THR B 70 3.03 -22.05 -13.87
CA THR B 70 2.24 -23.24 -13.62
C THR B 70 1.55 -23.98 -14.75
N GLU B 71 0.82 -25.04 -14.41
CA GLU B 71 0.09 -25.86 -15.43
C GLU B 71 -0.94 -26.87 -14.86
N GLU B 74 -4.04 -27.36 -14.61
CA GLU B 74 -4.47 -27.43 -13.22
C GLU B 74 -5.66 -26.48 -13.01
N LYS B 75 -6.44 -26.74 -11.97
CA LYS B 75 -7.52 -25.86 -11.50
C LYS B 75 -6.93 -24.64 -10.75
N LYS B 76 -5.71 -24.83 -10.20
CA LYS B 76 -4.83 -23.76 -9.71
C LYS B 76 -4.56 -22.70 -10.82
N GLN B 77 -4.34 -23.17 -12.04
CA GLN B 77 -4.11 -22.27 -13.17
C GLN B 77 -5.38 -21.50 -13.61
N GLN B 78 -6.56 -22.13 -13.65
CA GLN B 78 -7.81 -21.37 -13.83
C GLN B 78 -7.97 -20.20 -12.79
N MET B 79 -7.58 -20.44 -11.56
CA MET B 79 -7.81 -19.51 -10.47
C MET B 79 -6.88 -18.30 -10.55
N ALA B 80 -5.60 -18.54 -10.79
CA ALA B 80 -4.66 -17.50 -11.14
C ALA B 80 -5.16 -16.65 -12.30
N ARG B 81 -5.66 -17.29 -13.34
CA ARG B 81 -6.12 -16.63 -14.55
C ARG B 81 -7.29 -15.78 -14.21
N GLU B 82 -8.18 -16.26 -13.36
CA GLU B 82 -9.41 -15.47 -13.10
C GLU B 82 -9.04 -14.22 -12.27
N TYR B 83 -8.09 -14.42 -11.36
CA TYR B 83 -7.58 -13.41 -10.53
C TYR B 83 -6.77 -12.40 -11.38
N ARG B 84 -5.98 -12.88 -12.32
CA ARG B 84 -5.35 -12.00 -13.30
C ARG B 84 -6.39 -11.08 -13.99
N GLU B 85 -7.44 -11.69 -14.53
CA GLU B 85 -8.52 -10.96 -15.24
C GLU B 85 -9.22 -9.92 -14.35
N LYS B 86 -9.49 -10.27 -13.08
CA LYS B 86 -10.08 -9.36 -12.12
C LYS B 86 -9.17 -8.10 -11.90
N ILE B 87 -7.85 -8.33 -11.71
CA ILE B 87 -6.88 -7.28 -11.59
C ILE B 87 -6.87 -6.46 -12.88
N GLU B 88 -6.87 -7.12 -14.03
CA GLU B 88 -6.91 -6.36 -15.27
C GLU B 88 -8.13 -5.49 -15.37
N THR B 89 -9.26 -5.93 -14.90
CA THR B 89 -10.37 -5.07 -15.19
C THR B 89 -10.26 -3.81 -14.28
N GLU B 90 -9.85 -3.96 -13.02
CA GLU B 90 -9.54 -2.79 -12.20
C GLU B 90 -8.49 -1.91 -12.91
N LEU B 91 -7.50 -2.54 -13.51
CA LEU B 91 -6.53 -1.75 -14.18
C LEU B 91 -7.05 -0.99 -15.36
N ARG B 92 -7.74 -1.63 -16.30
CA ARG B 92 -8.43 -0.92 -17.43
C ARG B 92 -9.34 0.24 -17.04
N ASP B 93 -10.07 0.09 -15.96
CA ASP B 93 -10.89 1.10 -15.41
C ASP B 93 -10.08 2.34 -15.08
N ILE B 94 -9.01 2.15 -14.27
CA ILE B 94 -8.14 3.26 -13.89
C ILE B 94 -7.57 3.94 -15.12
N CYS B 95 -7.20 3.19 -16.13
CA CYS B 95 -6.63 3.89 -17.30
C CYS B 95 -7.65 4.61 -18.11
N ASN B 96 -8.83 4.03 -18.23
CA ASN B 96 -9.85 4.67 -19.00
C ASN B 96 -10.29 5.94 -18.26
N ASP B 97 -10.36 5.93 -16.93
CA ASP B 97 -10.61 7.18 -16.20
C ASP B 97 -9.50 8.23 -16.53
N VAL B 98 -8.23 7.85 -16.37
CA VAL B 98 -7.13 8.74 -16.67
C VAL B 98 -7.18 9.24 -18.12
N LEU B 99 -7.34 8.34 -19.08
CA LEU B 99 -7.31 8.75 -20.51
C LEU B 99 -8.45 9.67 -20.89
N SER B 100 -9.55 9.49 -20.18
CA SER B 100 -10.71 10.26 -20.44
C SER B 100 -10.48 11.66 -19.80
N LEU B 101 -9.89 11.69 -18.62
CA LEU B 101 -9.53 12.97 -18.03
C LEU B 101 -8.56 13.73 -18.94
N LEU B 102 -7.59 13.02 -19.52
CA LEU B 102 -6.73 13.63 -20.52
C LEU B 102 -7.47 14.08 -21.75
N GLU B 103 -8.48 13.35 -22.23
CA GLU B 103 -9.10 13.74 -23.51
C GLU B 103 -10.03 14.92 -23.35
N LYS B 104 -10.73 14.98 -22.25
CA LYS B 104 -11.76 15.93 -22.09
C LYS B 104 -11.22 17.17 -21.42
N PHE B 105 -10.16 17.05 -20.62
CA PHE B 105 -9.68 18.20 -19.84
C PHE B 105 -8.27 18.76 -19.82
N LEU B 106 -7.26 17.90 -19.91
CA LEU B 106 -5.93 18.24 -19.49
C LEU B 106 -5.28 18.62 -20.76
N ILE B 107 -5.39 17.78 -21.77
CA ILE B 107 -4.79 18.12 -23.05
C ILE B 107 -5.48 19.35 -23.71
N PRO B 108 -6.82 19.36 -23.84
CA PRO B 108 -7.47 20.56 -24.46
C PRO B 108 -7.22 21.87 -23.73
N ASN B 109 -7.09 21.84 -22.43
CA ASN B 109 -6.93 23.08 -21.68
C ASN B 109 -5.47 23.50 -21.47
N ALA B 110 -4.48 22.76 -21.98
CA ALA B 110 -3.08 23.02 -21.59
C ALA B 110 -2.63 24.19 -22.43
N SER B 111 -2.36 25.33 -21.80
CA SER B 111 -1.99 26.48 -22.66
C SER B 111 -0.48 26.70 -22.79
N GLN B 112 0.33 25.85 -22.20
CA GLN B 112 1.81 25.91 -22.33
C GLN B 112 2.26 24.61 -22.90
N ALA B 113 3.19 24.69 -23.83
CA ALA B 113 3.84 23.55 -24.40
C ALA B 113 4.28 22.54 -23.32
N GLU B 114 5.00 23.00 -22.34
CA GLU B 114 5.43 22.12 -21.28
C GLU B 114 4.31 21.22 -20.76
N SER B 115 3.13 21.77 -20.61
CA SER B 115 1.96 21.06 -20.08
C SER B 115 1.36 20.13 -21.12
N LYS B 116 1.24 20.63 -22.32
CA LYS B 116 0.80 19.81 -23.39
C LYS B 116 1.70 18.53 -23.51
N VAL B 117 3.04 18.73 -23.59
CA VAL B 117 3.99 17.64 -23.70
C VAL B 117 3.80 16.70 -22.53
N PHE B 118 3.67 17.24 -21.34
CA PHE B 118 3.48 16.40 -20.17
C PHE B 118 2.24 15.54 -20.26
N TYR B 119 1.13 16.14 -20.64
CA TYR B 119 -0.13 15.36 -20.66
C TYR B 119 -0.17 14.41 -21.82
N LEU B 120 0.39 14.80 -22.98
CA LEU B 120 0.53 13.85 -24.09
C LEU B 120 1.41 12.64 -23.70
N LYS B 121 2.54 12.91 -23.04
CA LYS B 121 3.40 11.84 -22.60
C LYS B 121 2.55 10.89 -21.75
N MET B 122 1.72 11.48 -20.93
CA MET B 122 0.90 10.74 -19.98
C MET B 122 -0.15 9.93 -20.74
N LYS B 123 -0.62 10.44 -21.86
CA LYS B 123 -1.56 9.66 -22.58
C LYS B 123 -0.83 8.46 -23.17
N GLY B 124 0.39 8.67 -23.67
CA GLY B 124 1.24 7.57 -24.14
C GLY B 124 1.48 6.57 -23.02
N ASP B 125 1.83 7.02 -21.81
CA ASP B 125 1.98 6.05 -20.75
C ASP B 125 0.71 5.21 -20.47
N TYR B 126 -0.44 5.84 -20.34
CA TYR B 126 -1.63 5.12 -19.98
C TYR B 126 -2.11 4.15 -21.08
N TYR B 127 -1.90 4.47 -22.34
CA TYR B 127 -2.09 3.47 -23.36
C TYR B 127 -1.07 2.37 -23.36
N ARG B 128 0.18 2.69 -23.00
CA ARG B 128 1.24 1.67 -22.88
C ARG B 128 0.78 0.74 -21.83
N TYR B 129 0.14 1.23 -20.78
CA TYR B 129 -0.27 0.29 -19.74
C TYR B 129 -1.42 -0.61 -20.21
N LEU B 130 -2.37 -0.07 -21.00
CA LEU B 130 -3.50 -0.88 -21.50
C LEU B 130 -2.94 -1.83 -22.52
N ALA B 131 -1.94 -1.38 -23.30
CA ALA B 131 -1.22 -2.38 -24.12
C ALA B 131 -0.59 -3.55 -23.37
N GLU B 132 0.02 -3.35 -22.22
CA GLU B 132 0.75 -4.48 -21.56
C GLU B 132 -0.24 -5.62 -21.30
N VAL B 133 -1.50 -5.30 -21.35
CA VAL B 133 -2.45 -6.15 -20.73
C VAL B 133 -3.59 -6.43 -21.69
N ALA B 134 -3.39 -6.07 -22.96
CA ALA B 134 -4.42 -6.25 -23.98
C ALA B 134 -4.66 -7.73 -24.32
N ALA B 135 -5.89 -8.04 -24.71
CA ALA B 135 -6.25 -9.40 -25.11
C ALA B 135 -5.54 -10.08 -26.28
N GLY B 136 -5.17 -9.29 -27.27
CA GLY B 136 -4.49 -9.81 -28.45
C GLY B 136 -5.15 -9.38 -29.74
N ASP B 137 -6.38 -8.89 -29.64
CA ASP B 137 -7.13 -8.44 -30.81
C ASP B 137 -7.14 -6.92 -30.90
N ASP B 138 -7.10 -6.26 -29.75
CA ASP B 138 -7.11 -4.80 -29.70
C ASP B 138 -5.70 -4.25 -29.48
N LYS B 139 -4.75 -5.15 -29.22
CA LYS B 139 -3.39 -4.76 -29.00
C LYS B 139 -2.84 -3.83 -30.05
N LYS B 140 -2.83 -4.25 -31.31
CA LYS B 140 -2.28 -3.40 -32.35
C LYS B 140 -2.91 -1.98 -32.29
N GLY B 141 -4.21 -1.88 -31.99
CA GLY B 141 -4.93 -0.59 -31.90
C GLY B 141 -4.55 0.34 -30.73
N ILE B 142 -4.54 -0.24 -29.52
CA ILE B 142 -4.03 0.34 -28.31
C ILE B 142 -2.57 0.84 -28.56
N VAL B 143 -1.67 -0.04 -29.00
CA VAL B 143 -0.32 0.31 -29.31
C VAL B 143 -0.19 1.52 -30.25
N ASP B 144 -1.06 1.64 -31.27
CA ASP B 144 -1.01 2.77 -32.20
C ASP B 144 -1.32 4.04 -31.45
N GLN B 145 -2.30 3.95 -30.57
CA GLN B 145 -2.73 5.07 -29.80
C GLN B 145 -1.56 5.59 -28.94
N SER B 146 -0.93 4.70 -28.17
CA SER B 146 0.23 5.01 -27.37
C SER B 146 1.27 5.68 -28.23
N GLN B 147 1.52 5.08 -29.40
CA GLN B 147 2.60 5.58 -30.16
C GLN B 147 2.29 6.98 -30.64
N GLN B 148 1.05 7.17 -31.09
CA GLN B 148 0.59 8.45 -31.70
C GLN B 148 0.72 9.53 -30.63
N ALA B 149 0.28 9.25 -29.41
CA ALA B 149 0.36 10.23 -28.38
C ALA B 149 1.83 10.59 -28.01
N TYR B 150 2.72 9.60 -27.85
CA TYR B 150 4.14 9.88 -27.63
C TYR B 150 4.71 10.66 -28.83
N GLN B 151 4.27 10.39 -30.06
CA GLN B 151 4.87 11.09 -31.22
C GLN B 151 4.46 12.54 -31.19
N GLU B 152 3.19 12.77 -30.88
CA GLU B 152 2.74 14.12 -30.81
C GLU B 152 3.53 14.82 -29.75
N ALA B 153 3.67 14.20 -28.60
CA ALA B 153 4.42 14.82 -27.51
C ALA B 153 5.85 15.07 -27.95
N PHE B 154 6.40 14.18 -28.77
CA PHE B 154 7.77 14.28 -29.13
C PHE B 154 8.05 15.51 -30.03
N GLU B 155 7.21 15.72 -31.02
CA GLU B 155 7.31 16.82 -31.94
C GLU B 155 7.18 18.16 -31.25
N ILE B 156 6.21 18.26 -30.35
CA ILE B 156 6.16 19.50 -29.57
C ILE B 156 7.43 19.73 -28.69
N SER B 157 7.94 18.68 -28.03
CA SER B 157 9.11 18.86 -27.18
C SER B 157 10.37 19.23 -28.01
N LYS B 158 10.54 18.79 -29.26
CA LYS B 158 11.66 19.22 -30.11
C LYS B 158 11.53 20.71 -30.50
N LYS B 159 10.30 21.14 -30.77
CA LYS B 159 10.07 22.49 -31.24
C LYS B 159 10.19 23.43 -30.09
N GLU B 160 9.80 23.02 -28.91
CA GLU B 160 9.44 23.99 -27.91
C GLU B 160 10.25 23.96 -26.64
N MET B 161 10.98 22.88 -26.34
CA MET B 161 11.62 22.83 -25.03
C MET B 161 13.10 22.62 -25.25
N GLN B 162 13.91 22.97 -24.26
CA GLN B 162 15.36 22.69 -24.26
C GLN B 162 15.60 21.19 -24.14
N PRO B 163 16.61 20.67 -24.87
CA PRO B 163 16.97 19.24 -24.83
C PRO B 163 17.20 18.69 -23.42
N THR B 164 17.46 19.54 -22.47
CA THR B 164 17.75 19.09 -21.12
C THR B 164 16.58 19.26 -20.20
N HIS B 165 15.45 19.67 -20.74
CA HIS B 165 14.31 19.88 -19.88
C HIS B 165 13.87 18.52 -19.35
N PRO B 166 13.60 18.40 -18.07
CA PRO B 166 13.34 17.03 -17.63
C PRO B 166 12.08 16.40 -18.18
N ILE B 167 11.13 17.21 -18.62
CA ILE B 167 9.93 16.64 -19.24
C ILE B 167 10.22 16.10 -20.62
N ARG B 168 11.03 16.84 -21.36
CA ARG B 168 11.39 16.34 -22.68
C ARG B 168 12.20 15.02 -22.60
N LEU B 169 13.12 14.98 -21.65
CA LEU B 169 14.03 13.88 -21.42
C LEU B 169 13.24 12.66 -20.89
N GLY B 170 12.29 12.88 -19.98
CA GLY B 170 11.44 11.79 -19.42
C GLY B 170 10.56 11.24 -20.53
N LEU B 171 10.35 12.05 -21.53
CA LEU B 171 9.46 11.66 -22.57
C LEU B 171 10.27 10.78 -23.45
N ALA B 172 11.47 11.21 -23.78
CA ALA B 172 12.44 10.33 -24.48
C ALA B 172 12.62 9.01 -23.77
N LEU B 173 12.72 9.02 -22.45
CA LEU B 173 12.94 7.77 -21.77
C LEU B 173 11.73 6.81 -21.97
N ASN B 174 10.55 7.24 -21.50
CA ASN B 174 9.35 6.46 -21.68
C ASN B 174 9.08 6.10 -23.13
N PHE B 175 9.37 6.98 -24.04
CA PHE B 175 9.03 6.63 -25.39
C PHE B 175 10.01 5.53 -25.90
N SER B 176 11.23 5.54 -25.43
CA SER B 176 12.20 4.56 -25.90
C SER B 176 11.90 3.22 -25.25
N VAL B 177 11.56 3.20 -23.98
CA VAL B 177 11.04 1.97 -23.41
C VAL B 177 9.79 1.42 -24.17
N PHE B 178 8.95 2.29 -24.70
CA PHE B 178 7.85 1.81 -25.47
C PHE B 178 8.38 1.12 -26.74
N TYR B 179 9.31 1.73 -27.43
CA TYR B 179 9.85 1.06 -28.58
C TYR B 179 10.47 -0.29 -28.19
N TYR B 180 11.22 -0.35 -27.10
CA TYR B 180 11.85 -1.59 -26.73
C TYR B 180 10.93 -2.69 -26.25
N GLU B 181 10.18 -2.44 -25.17
CA GLU B 181 9.28 -3.39 -24.53
C GLU B 181 7.96 -3.59 -25.27
N ILE B 182 7.41 -2.57 -25.93
CA ILE B 182 6.03 -2.75 -26.43
C ILE B 182 5.98 -3.02 -27.92
N LEU B 183 6.79 -2.31 -28.68
CA LEU B 183 6.82 -2.48 -30.13
C LEU B 183 7.78 -3.59 -30.53
N ASN B 184 8.68 -3.96 -29.62
CA ASN B 184 9.65 -5.01 -29.87
C ASN B 184 10.81 -4.52 -30.73
N SER B 185 10.90 -3.21 -30.91
CA SER B 185 11.96 -2.62 -31.72
C SER B 185 13.06 -2.03 -30.83
N PRO B 186 14.25 -2.60 -30.92
CA PRO B 186 15.38 -2.14 -30.13
C PRO B 186 16.23 -1.14 -30.91
N GLU B 187 16.06 -1.10 -32.22
CA GLU B 187 16.81 -0.18 -33.08
C GLU B 187 16.26 1.23 -32.86
N LYS B 188 14.92 1.34 -32.93
CA LYS B 188 14.21 2.58 -32.65
C LYS B 188 14.44 3.00 -31.19
N ALA B 189 14.35 2.09 -30.22
CA ALA B 189 14.59 2.43 -28.84
C ALA B 189 15.97 3.06 -28.63
N CYS B 190 16.97 2.46 -29.24
CA CYS B 190 18.33 2.89 -29.09
C CYS B 190 18.61 4.24 -29.67
N SER B 191 18.24 4.47 -30.92
CA SER B 191 18.57 5.75 -31.48
C SER B 191 17.78 6.85 -30.76
N LEU B 192 16.54 6.58 -30.37
CA LEU B 192 15.87 7.59 -29.61
C LEU B 192 16.62 7.89 -28.30
N ALA B 193 16.91 6.88 -27.52
CA ALA B 193 17.56 7.14 -26.25
C ALA B 193 18.88 7.86 -26.44
N LYS B 194 19.59 7.46 -27.50
CA LYS B 194 20.88 7.97 -27.79
C LYS B 194 20.84 9.45 -28.26
N THR B 195 20.01 9.74 -29.24
CA THR B 195 19.84 11.10 -29.73
C THR B 195 19.53 12.07 -28.58
N ALA B 196 18.57 11.69 -27.75
CA ALA B 196 18.16 12.52 -26.60
C ALA B 196 19.28 12.71 -25.61
N PHE B 197 19.99 11.63 -25.34
CA PHE B 197 21.16 11.76 -24.47
C PHE B 197 22.21 12.71 -25.09
N ASP B 198 22.50 12.60 -26.38
CA ASP B 198 23.51 13.47 -27.00
C ASP B 198 23.05 14.92 -27.11
N GLU B 199 21.82 15.13 -27.54
CA GLU B 199 21.36 16.51 -27.58
C GLU B 199 21.40 17.24 -26.25
N ALA B 200 21.19 16.50 -25.19
CA ALA B 200 21.29 17.08 -23.91
C ALA B 200 22.76 17.38 -23.57
N ILE B 201 23.69 16.50 -23.92
CA ILE B 201 25.12 16.72 -23.59
C ILE B 201 25.55 17.90 -24.35
N ALA B 202 25.26 17.95 -25.64
CA ALA B 202 25.62 19.08 -26.47
C ALA B 202 25.02 20.38 -25.91
N GLU B 203 23.92 20.23 -25.16
CA GLU B 203 23.26 21.38 -24.56
C GLU B 203 23.90 22.03 -23.34
N LEU B 204 25.05 21.51 -22.94
CA LEU B 204 25.78 22.04 -21.78
C LEU B 204 26.73 23.23 -21.89
N ASP B 205 26.66 23.93 -23.01
CA ASP B 205 27.50 25.10 -23.24
C ASP B 205 27.01 26.31 -22.45
N GLU B 208 21.87 25.95 -18.70
CA GLU B 208 20.69 25.14 -18.43
C GLU B 208 20.61 24.75 -16.96
N GLU B 209 20.27 25.72 -16.12
CA GLU B 209 20.15 25.48 -14.68
C GLU B 209 18.69 25.31 -14.26
N SER B 210 18.43 24.45 -13.27
CA SER B 210 19.46 23.67 -12.58
C SER B 210 18.93 22.30 -12.17
N TYR B 211 19.10 21.32 -13.05
CA TYR B 211 18.66 19.98 -12.79
C TYR B 211 19.69 18.97 -12.34
N LYS B 212 19.51 18.52 -11.11
CA LYS B 212 20.17 17.34 -10.61
C LYS B 212 19.19 16.30 -11.12
N ASP B 213 18.04 16.78 -11.57
CA ASP B 213 16.99 15.91 -12.09
C ASP B 213 17.21 15.59 -13.57
N SER B 214 17.63 16.60 -14.32
CA SER B 214 17.89 16.43 -15.75
C SER B 214 19.00 15.42 -15.99
N THR B 215 19.92 15.32 -15.04
CA THR B 215 21.03 14.37 -15.13
C THR B 215 20.54 12.97 -14.81
N LEU B 216 19.60 12.86 -13.87
CA LEU B 216 19.05 11.58 -13.47
C LEU B 216 18.38 10.87 -14.65
N ILE B 217 17.66 11.63 -15.47
CA ILE B 217 16.96 11.07 -16.62
C ILE B 217 18.03 10.65 -17.63
N MET B 218 19.09 11.44 -17.72
CA MET B 218 20.19 11.14 -18.62
C MET B 218 20.91 9.83 -18.24
N GLN B 219 21.22 9.62 -16.97
CA GLN B 219 21.77 8.34 -16.52
C GLN B 219 20.84 7.18 -16.83
N LEU B 220 19.52 7.37 -16.64
CA LEU B 220 18.56 6.29 -16.95
C LEU B 220 18.58 6.02 -18.43
N LEU B 221 18.72 7.06 -19.22
CA LEU B 221 18.77 6.80 -20.65
C LEU B 221 20.01 5.99 -21.01
N ARG B 222 21.18 6.35 -20.48
CA ARG B 222 22.37 5.67 -20.90
C ARG B 222 22.32 4.22 -20.31
N ASP B 223 21.90 4.06 -19.09
CA ASP B 223 21.73 2.69 -18.53
C ASP B 223 21.00 1.79 -19.48
N ASN B 224 19.86 2.26 -19.99
CA ASN B 224 19.09 1.49 -20.95
C ASN B 224 19.86 1.16 -22.19
N LEU B 225 20.67 2.11 -22.64
CA LEU B 225 21.48 1.88 -23.85
C LEU B 225 22.51 0.81 -23.65
N THR B 226 23.06 0.74 -22.43
CA THR B 226 24.05 -0.26 -22.10
C THR B 226 23.41 -1.63 -21.91
N LEU B 227 22.17 -1.61 -21.42
CA LEU B 227 21.42 -2.85 -21.20
C LEU B 227 20.90 -3.42 -22.53
N TRP B 228 20.67 -2.52 -23.48
CA TRP B 228 20.19 -2.93 -24.78
C TRP B 228 21.29 -3.21 -25.80
N THR B 229 22.56 -2.93 -25.52
CA THR B 229 23.66 -3.53 -26.37
C THR B 229 24.26 -4.76 -25.64
N SER B 230 24.13 -5.92 -26.25
CA SER B 230 24.49 -7.19 -25.56
C SER B 230 25.13 -8.20 -26.50
N GLY C 1 8.65 -12.47 8.02
CA GLY C 1 9.19 -13.23 9.22
C GLY C 1 8.26 -14.39 9.54
N LEU C 3 7.07 -14.25 12.49
CA LEU C 3 6.70 -13.33 13.60
C LEU C 3 5.70 -12.26 13.14
N ASP C 4 5.63 -12.04 11.83
CA ASP C 4 4.72 -11.04 11.28
C ASP C 4 3.27 -11.42 11.52
N LEU C 6 2.30 -12.27 14.48
CA LEU C 6 2.06 -12.09 15.92
C LEU C 6 1.62 -10.66 16.14
N ASP C 7 1.67 -9.89 15.07
CA ASP C 7 1.35 -8.44 15.13
C ASP C 7 2.02 -7.76 16.33
N LEU C 8 3.33 -7.84 16.39
CA LEU C 8 4.08 -7.42 17.61
C LEU C 8 3.99 -5.91 17.79
N ALA C 9 3.79 -5.41 19.00
CA ALA C 9 3.89 -3.94 19.18
C ALA C 9 5.38 -3.36 19.14
N SER C 10 5.59 -2.09 19.47
CA SER C 10 6.90 -1.38 19.18
C SER C 10 7.28 -1.47 17.69
N GLY D 1 11.83 12.95 -5.35
CA GLY D 1 10.70 13.83 -5.16
C GLY D 1 10.02 14.17 -6.48
N LEU D 3 10.97 13.75 -9.76
CA LEU D 3 10.85 12.87 -10.93
C LEU D 3 9.79 11.81 -10.74
N ASP D 4 9.30 11.70 -9.50
CA ASP D 4 8.38 10.69 -9.05
C ASP D 4 7.03 10.67 -9.79
N LEU D 6 6.74 11.96 -12.88
CA LEU D 6 7.01 11.95 -14.33
C LEU D 6 6.79 10.53 -14.78
N ASP D 7 6.62 9.64 -13.78
CA ASP D 7 6.25 8.22 -13.96
C ASP D 7 7.26 7.53 -14.91
N LEU D 8 8.52 7.73 -14.57
CA LEU D 8 9.67 7.26 -15.36
C LEU D 8 9.63 5.71 -15.60
N ALA D 9 9.81 5.26 -16.82
CA ALA D 9 9.67 3.85 -17.11
C ALA D 9 10.94 3.01 -16.70
N SER D 10 11.94 3.67 -16.13
CA SER D 10 13.17 3.01 -15.71
C SER D 10 13.40 1.72 -16.50
#